data_9C6J
#
_entry.id   9C6J
#
_cell.length_a   1.00
_cell.length_b   1.00
_cell.length_c   1.00
_cell.angle_alpha   90.00
_cell.angle_beta   90.00
_cell.angle_gamma   90.00
#
_symmetry.space_group_name_H-M   'P 1'
#
loop_
_entity.id
_entity.type
_entity.pdbx_description
1 polymer 'Group IIC intron embedded with the TPP riboswitch'
2 non-polymer 'MAGNESIUM ION'
#
_entity_poly.entity_id   1
_entity_poly.type   'polyribonucleotide'
_entity_poly.pdbx_seq_one_letter_code
;GUUAUGUGUGCCCGGCAUGGGUGCAGUCUAUAGGGUGAGAGUCCCGAACUGUGAAGGCAGAAGUAACAGUUAGCCUAACG
CAAGGGUGUCCGUGGCGACAUGGAAUCUGAAGGAAGCGGACGGCAAACCUUCGGUCUGAGGAACACGAACUUCAUAUGAG
GCUAGGUAUCAAUGGAUGAGUUUGCAUAACAAAACAAAGUCCUUUCUGCCAAAGUUGGUACAGAGUAAAUGAAGCAGAUU
GAUGAAGGGAAAGACUGCAUUCUUACCCGGGGAGGUCUGGAAACAGAAGUCAGCAGAAGUCAUAGUACCCUCAGUACUCG
GGGUGCCCUUCUGCGUGAAGGCUGAGAAAUACCCGUAUCACCUGAUCUGGAUAAUGCCAGCGUAGGGAAGUGCUGAGGGG
AAGGACGGAACAAGUAUGGCGUUCGCGCCUAAGCUUGAACCACCGUAUACCGAACGGUACGUACGGUGGUGUGAGAGGAG
UUCGCUCUACUCUAU
;
_entity_poly.pdbx_strand_id   A
#
loop_
_chem_comp.id
_chem_comp.type
_chem_comp.name
_chem_comp.formula
A RNA linking ADENOSINE-5'-MONOPHOSPHATE 'C10 H14 N5 O7 P'
C RNA linking CYTIDINE-5'-MONOPHOSPHATE 'C9 H14 N3 O8 P'
G RNA linking GUANOSINE-5'-MONOPHOSPHATE 'C10 H14 N5 O8 P'
MG non-polymer 'MAGNESIUM ION' 'Mg 2'
U RNA linking URIDINE-5'-MONOPHOSPHATE 'C9 H13 N2 O9 P'
#
# COMPACT_ATOMS: atom_id res chain seq x y z
MG MG B . 7.23 -9.71 -9.78
MG MG C . 11.52 -4.95 -15.62
MG MG D . 13.23 7.50 15.15
MG MG E . -0.01 16.57 17.82
MG MG F . -5.95 13.25 -1.17
MG MG G . -2.46 2.16 -39.09
MG MG H . -14.37 11.08 -24.31
MG MG I . -14.81 -12.95 -22.00
MG MG J . -19.27 -12.56 -27.42
MG MG K . -9.08 -7.74 -17.24
MG MG L . -3.44 -6.11 -17.75
MG MG M . -16.63 9.22 2.55
MG MG N . -21.81 6.67 -3.82
MG MG O . 11.60 25.61 4.21
MG MG P . 6.27 -27.26 9.14
MG MG Q . 13.27 -21.98 5.76
MG MG R . 10.54 17.68 35.62
MG MG S . 10.51 2.74 25.46
MG MG T . 17.13 -6.44 28.10
MG MG U . 4.00 6.07 32.15
MG MG V . 2.52 -8.86 2.23
#